data_2Q9F
#
_entry.id   2Q9F
#
_cell.length_a   121.850
_cell.length_b   121.850
_cell.length_c   144.030
_cell.angle_alpha   90.00
_cell.angle_beta   90.00
_cell.angle_gamma   90.00
#
_symmetry.space_group_name_H-M   'I 41 2 2'
#
loop_
_entity.id
_entity.type
_entity.pdbx_description
1 polymer 'Cytochrome P450 46A1'
2 non-polymer 'PHOSPHATE ION'
3 non-polymer 'PROTOPORPHYRIN IX CONTAINING FE'
4 non-polymer 'CHOLEST-5-EN-3-YL HYDROGEN SULFATE'
5 non-polymer GLYCEROL
6 water water
#
_entity_poly.entity_id   1
_entity_poly.type   'polypeptide(L)'
_entity_poly.pdbx_seq_one_letter_code
;MAKKDEVGGRVLQDVFLDWAKKYGPVVRVNVFHKTSVIVTSPESVKKFLMSTKYNKDSKMYRALQTVFGERLFGQGLVSE
CNYERWHKQRRVIDLAFSRSSLVSLMETFNEKAEQLVEILEAKADGQTPVSMQDMLTYTAMDILAKAAFGMETSMLLGAQ
KPLSQAVKLMLEGITASRNTLAKFLPGKRKQLREVRESIRFLRQVGRDWVQRRREALKRGEEVPADILTQILKAEEGAQD
DEGLLDNFVTFFIAGHETSANHLAFTVMELSRQPEIVARLQAEVDEVIGSKRYLDFEDLGRLQYLSQVLKESLRLYPPAW
GTFRLLEEETLIDGVRVPGNTPLLFSTYVMGRMDTYFEDPLTFNPDRFGPGAPKPRFTYFPFSLGHRSCIGQQFAQMEVK
VVMAKLLQRLEFRLVPGQRFGLQEQATLKPLDPVLCTLRPRGWQPAPPPPPCHHHH
;
_entity_poly.pdbx_strand_id   A
#
loop_
_chem_comp.id
_chem_comp.type
_chem_comp.name
_chem_comp.formula
C3S non-polymer 'CHOLEST-5-EN-3-YL HYDROGEN SULFATE' 'C27 H46 O4 S'
GOL non-polymer GLYCEROL 'C3 H8 O3'
HEM non-polymer 'PROTOPORPHYRIN IX CONTAINING FE' 'C34 H32 Fe N4 O4'
PO4 non-polymer 'PHOSPHATE ION' 'O4 P -3'
#
# COMPACT_ATOMS: atom_id res chain seq x y z
N VAL A 11 13.51 -5.26 -13.46
CA VAL A 11 12.93 -4.45 -12.31
C VAL A 11 13.55 -3.08 -12.29
N LEU A 12 12.73 -2.11 -12.67
CA LEU A 12 13.16 -0.75 -12.87
C LEU A 12 13.76 -0.18 -11.59
N GLN A 13 13.14 -0.45 -10.46
CA GLN A 13 13.69 0.04 -9.17
C GLN A 13 15.12 -0.40 -8.88
N ASP A 14 15.47 -1.61 -9.32
CA ASP A 14 16.84 -2.10 -9.19
C ASP A 14 17.86 -1.39 -10.11
N VAL A 15 17.42 -1.00 -11.28
CA VAL A 15 18.21 -0.14 -12.13
C VAL A 15 18.44 1.20 -11.43
N PHE A 16 17.39 1.76 -10.80
CA PHE A 16 17.59 3.03 -10.05
C PHE A 16 18.63 2.87 -8.92
N LEU A 17 18.52 1.77 -8.21
CA LEU A 17 19.47 1.47 -7.15
C LEU A 17 20.94 1.44 -7.64
N ASP A 18 21.14 0.68 -8.72
CA ASP A 18 22.44 0.65 -9.40
C ASP A 18 22.96 2.03 -9.74
N TRP A 19 22.10 2.84 -10.35
CA TRP A 19 22.50 4.19 -10.68
C TRP A 19 22.82 5.09 -9.48
N ALA A 20 21.99 5.01 -8.43
CA ALA A 20 22.24 5.81 -7.22
C ALA A 20 23.59 5.42 -6.65
N LYS A 21 23.92 4.14 -6.67
CA LYS A 21 25.17 3.70 -6.08
C LYS A 21 26.36 4.18 -6.88
N LYS A 22 26.22 4.14 -8.20
CA LYS A 22 27.36 4.40 -9.06
C LYS A 22 27.55 5.90 -9.33
N TYR A 23 26.45 6.63 -9.46
CA TYR A 23 26.49 8.01 -9.93
C TYR A 23 26.09 9.08 -8.92
N GLY A 24 25.77 8.72 -7.68
CA GLY A 24 25.80 9.78 -6.67
C GLY A 24 24.40 10.00 -6.21
N PRO A 25 24.20 10.94 -5.26
CA PRO A 25 22.84 11.16 -4.75
C PRO A 25 21.83 11.87 -5.65
N VAL A 26 22.28 12.39 -6.79
CA VAL A 26 21.39 13.07 -7.71
C VAL A 26 21.56 12.56 -9.12
N VAL A 27 20.56 11.84 -9.66
CA VAL A 27 20.75 11.22 -10.96
C VAL A 27 19.62 11.51 -11.92
N ARG A 28 19.98 12.03 -13.10
CA ARG A 28 18.98 12.42 -14.08
C ARG A 28 18.41 11.12 -14.71
N VAL A 29 17.10 10.99 -14.83
CA VAL A 29 16.58 9.80 -15.48
C VAL A 29 15.67 10.16 -16.63
N ASN A 30 15.49 9.22 -17.56
CA ASN A 30 14.79 9.49 -18.81
C ASN A 30 13.73 8.45 -19.10
N VAL A 31 13.41 7.62 -18.14
CA VAL A 31 12.52 6.49 -18.40
C VAL A 31 11.06 6.99 -18.33
N PHE A 32 10.82 8.15 -17.76
CA PHE A 32 9.43 8.63 -17.66
C PHE A 32 9.19 9.69 -18.79
N HIS A 33 7.96 10.19 -18.92
CA HIS A 33 7.57 10.96 -20.11
C HIS A 33 8.24 12.32 -20.03
N LYS A 34 8.60 12.74 -18.83
CA LYS A 34 9.25 14.02 -18.61
C LYS A 34 10.57 13.61 -17.93
N THR A 35 11.62 14.34 -18.24
CA THR A 35 12.93 14.16 -17.61
C THR A 35 12.73 14.37 -16.12
N SER A 36 13.34 13.52 -15.32
CA SER A 36 13.15 13.66 -13.87
C SER A 36 14.52 13.41 -13.26
N VAL A 37 14.63 13.58 -11.95
CA VAL A 37 15.90 13.34 -11.30
C VAL A 37 15.62 12.51 -10.05
N ILE A 38 16.42 11.48 -9.81
CA ILE A 38 16.30 10.72 -8.58
C ILE A 38 17.28 11.17 -7.52
N VAL A 39 16.76 11.48 -6.34
CA VAL A 39 17.52 12.14 -5.30
C VAL A 39 17.58 11.26 -4.11
N THR A 40 18.78 10.85 -3.69
CA THR A 40 18.91 9.80 -2.70
C THR A 40 19.80 10.13 -1.50
N SER A 41 20.02 11.41 -1.20
CA SER A 41 20.73 11.69 0.05
C SER A 41 19.66 11.95 1.16
N PRO A 42 19.95 11.54 2.38
CA PRO A 42 18.97 11.75 3.46
C PRO A 42 18.70 13.24 3.67
N GLU A 43 19.68 14.11 3.41
CA GLU A 43 19.46 15.53 3.65
C GLU A 43 18.50 16.13 2.66
N SER A 44 18.57 15.68 1.40
CA SER A 44 17.56 16.11 0.45
C SER A 44 16.13 15.57 0.75
N VAL A 45 16.07 14.31 1.18
CA VAL A 45 14.78 13.77 1.62
C VAL A 45 14.19 14.70 2.66
N LYS A 46 15.01 15.01 3.69
CA LYS A 46 14.51 15.88 4.74
C LYS A 46 14.06 17.22 4.18
N LYS A 47 14.90 17.84 3.37
CA LYS A 47 14.54 19.14 2.85
C LYS A 47 13.25 19.19 2.06
N PHE A 48 13.12 18.25 1.12
CA PHE A 48 11.97 18.34 0.26
C PHE A 48 10.69 17.71 0.82
N LEU A 49 10.80 16.64 1.61
CA LEU A 49 9.55 15.98 2.03
C LEU A 49 9.00 16.63 3.29
N MET A 50 9.89 17.26 4.09
CA MET A 50 9.45 17.74 5.37
C MET A 50 8.99 19.19 5.33
N SER A 51 8.81 19.76 4.14
CA SER A 51 8.32 21.14 4.07
C SER A 51 7.14 21.28 3.18
N THR A 52 6.12 22.05 3.61
CA THR A 52 4.95 22.26 2.76
C THR A 52 5.30 23.18 1.60
N LYS A 53 6.54 23.66 1.55
CA LYS A 53 6.92 24.44 0.38
C LYS A 53 6.95 23.57 -0.87
N TYR A 54 7.12 22.25 -0.71
CA TYR A 54 7.29 21.39 -1.88
C TYR A 54 6.13 20.47 -2.01
N ASN A 55 5.58 20.46 -3.19
CA ASN A 55 4.37 19.75 -3.46
C ASN A 55 4.54 18.74 -4.56
N LYS A 56 3.61 17.78 -4.62
CA LYS A 56 3.60 16.80 -5.68
C LYS A 56 3.60 17.40 -7.09
N ASP A 57 4.30 16.74 -7.98
CA ASP A 57 4.34 17.16 -9.38
C ASP A 57 3.10 16.68 -10.13
N SER A 58 2.20 17.62 -10.50
CA SER A 58 0.98 17.22 -11.17
C SER A 58 1.25 16.53 -12.48
N LYS A 59 2.37 16.81 -13.10
CA LYS A 59 2.65 16.25 -14.40
C LYS A 59 3.04 14.80 -14.28
N MET A 60 3.60 14.43 -13.13
CA MET A 60 3.82 13.00 -12.89
C MET A 60 2.51 12.37 -12.37
N TYR A 61 1.84 13.05 -11.44
CA TYR A 61 0.61 12.48 -10.86
C TYR A 61 -0.57 12.28 -11.81
N ARG A 62 -0.46 12.87 -13.01
CA ARG A 62 -1.50 12.69 -14.03
C ARG A 62 -1.62 11.20 -14.33
N ALA A 63 -0.53 10.46 -14.16
CA ALA A 63 -0.60 9.02 -14.47
C ALA A 63 -1.56 8.26 -13.55
N LEU A 64 -1.79 8.80 -12.34
CA LEU A 64 -2.83 8.23 -11.47
C LEU A 64 -4.20 8.92 -11.77
N GLN A 65 -4.17 10.22 -12.04
CA GLN A 65 -5.38 10.99 -12.29
C GLN A 65 -6.27 10.36 -13.32
N THR A 66 -5.62 9.92 -14.39
CA THR A 66 -6.31 9.45 -15.60
C THR A 66 -5.40 8.36 -16.16
N VAL A 67 -6.00 7.27 -16.60
CA VAL A 67 -5.25 6.13 -17.14
C VAL A 67 -5.88 5.81 -18.50
N PHE A 68 -5.06 5.82 -19.56
CA PHE A 68 -5.55 5.54 -20.90
C PHE A 68 -6.80 6.32 -21.14
N GLY A 69 -6.78 7.60 -20.78
CA GLY A 69 -7.89 8.48 -21.08
C GLY A 69 -9.08 8.44 -20.14
N GLU A 70 -9.07 7.48 -19.23
CA GLU A 70 -10.23 7.22 -18.37
C GLU A 70 -9.97 7.76 -16.93
N ARG A 71 -10.79 8.70 -16.46
CA ARG A 71 -10.61 9.29 -15.14
C ARG A 71 -10.63 8.19 -14.01
N LEU A 72 -9.60 8.17 -13.16
CA LEU A 72 -9.44 7.09 -12.18
C LEU A 72 -9.29 7.76 -10.80
N PHE A 73 -8.07 8.14 -10.42
CA PHE A 73 -7.86 8.85 -9.15
C PHE A 73 -8.29 10.30 -9.18
N GLY A 74 -8.42 10.85 -10.38
CA GLY A 74 -8.95 12.19 -10.51
C GLY A 74 -8.23 13.17 -9.62
N GLN A 75 -8.99 14.03 -8.95
CA GLN A 75 -8.40 14.94 -8.01
C GLN A 75 -8.63 14.53 -6.56
N GLY A 76 -8.62 13.24 -6.30
CA GLY A 76 -8.79 12.76 -4.94
C GLY A 76 -7.57 13.04 -4.04
N LEU A 77 -7.57 12.43 -2.86
CA LEU A 77 -6.65 12.81 -1.81
C LEU A 77 -5.21 12.44 -2.14
N VAL A 78 -5.00 11.38 -2.95
CA VAL A 78 -3.62 11.01 -3.32
C VAL A 78 -3.06 11.83 -4.51
N SER A 79 -3.90 12.04 -5.51
CA SER A 79 -3.47 12.57 -6.78
C SER A 79 -3.66 14.08 -6.97
N GLU A 80 -4.45 14.73 -6.09
CA GLU A 80 -4.51 16.24 -6.08
C GLU A 80 -3.16 16.73 -5.62
N CYS A 81 -2.53 17.60 -6.38
CA CYS A 81 -1.17 18.00 -6.03
C CYS A 81 -1.15 19.42 -5.52
N ASN A 82 -2.19 20.19 -5.84
CA ASN A 82 -2.26 21.59 -5.36
C ASN A 82 -2.42 21.63 -3.85
N TYR A 83 -1.54 22.34 -3.15
CA TYR A 83 -1.55 22.33 -1.69
C TYR A 83 -2.87 22.75 -1.02
N GLU A 84 -3.40 23.91 -1.40
CA GLU A 84 -4.68 24.34 -0.82
C GLU A 84 -5.83 23.36 -1.10
N ARG A 85 -5.99 22.91 -2.34
CA ARG A 85 -7.08 22.01 -2.60
C ARG A 85 -6.89 20.71 -1.85
N TRP A 86 -5.64 20.27 -1.75
CA TRP A 86 -5.36 19.04 -1.02
C TRP A 86 -5.66 19.22 0.46
N HIS A 87 -5.18 20.33 1.02
CA HIS A 87 -5.30 20.53 2.47
C HIS A 87 -6.80 20.63 2.90
N LYS A 88 -7.65 21.21 2.06
CA LYS A 88 -9.04 21.34 2.42
C LYS A 88 -9.70 19.97 2.59
N GLN A 89 -9.46 19.08 1.63
CA GLN A 89 -9.97 17.74 1.78
C GLN A 89 -9.29 16.95 2.87
N ARG A 90 -7.96 17.12 3.05
CA ARG A 90 -7.22 16.33 4.06
C ARG A 90 -7.78 16.65 5.44
N ARG A 91 -8.08 17.92 5.71
CA ARG A 91 -8.66 18.28 7.02
C ARG A 91 -9.98 17.65 7.40
N VAL A 92 -10.82 17.45 6.40
CA VAL A 92 -12.10 16.83 6.60
C VAL A 92 -11.93 15.36 6.81
N ILE A 93 -11.16 14.73 5.92
CA ILE A 93 -11.04 13.27 5.96
C ILE A 93 -10.24 12.74 7.18
N ASP A 94 -9.30 13.54 7.72
CA ASP A 94 -8.56 13.23 8.95
C ASP A 94 -9.46 12.79 10.11
N LEU A 95 -10.66 13.34 10.18
CA LEU A 95 -11.60 12.93 11.22
C LEU A 95 -11.92 11.42 11.24
N ALA A 96 -11.92 10.78 10.06
CA ALA A 96 -12.19 9.36 10.00
C ALA A 96 -10.97 8.58 10.50
N PHE A 97 -9.86 9.28 10.74
CA PHE A 97 -8.67 8.58 11.24
C PHE A 97 -8.22 8.94 12.64
N SER A 98 -9.13 9.46 13.46
CA SER A 98 -8.79 9.75 14.85
C SER A 98 -8.57 8.42 15.55
N ARG A 99 -7.92 8.50 16.72
CA ARG A 99 -7.65 7.34 17.57
C ARG A 99 -8.91 6.54 17.88
N SER A 100 -9.98 7.23 18.23
CA SER A 100 -11.25 6.55 18.46
C SER A 100 -11.82 5.86 17.25
N SER A 101 -11.80 6.51 16.09
CA SER A 101 -12.23 5.86 14.85
C SER A 101 -11.51 4.56 14.70
N LEU A 102 -10.17 4.64 14.77
CA LEU A 102 -9.35 3.46 14.48
C LEU A 102 -9.61 2.40 15.52
N VAL A 103 -9.75 2.82 16.76
CA VAL A 103 -10.05 1.82 17.74
C VAL A 103 -11.34 1.11 17.42
N SER A 104 -12.27 1.81 16.77
CA SER A 104 -13.55 1.15 16.52
C SER A 104 -13.54 0.17 15.33
N LEU A 105 -12.43 0.14 14.59
CA LEU A 105 -12.20 -0.81 13.48
C LEU A 105 -11.68 -2.20 13.87
N MET A 106 -11.28 -2.33 15.15
CA MET A 106 -10.71 -3.57 15.66
C MET A 106 -11.61 -4.76 15.43
N GLU A 107 -12.92 -4.54 15.54
CA GLU A 107 -13.86 -5.62 15.38
C GLU A 107 -13.82 -6.11 13.93
N THR A 108 -13.80 -5.16 13.00
CA THR A 108 -13.73 -5.54 11.61
C THR A 108 -12.39 -6.23 11.30
N PHE A 109 -11.26 -5.69 11.80
CA PHE A 109 -9.96 -6.40 11.57
C PHE A 109 -10.00 -7.81 12.12
N ASN A 110 -10.44 -7.92 13.37
CA ASN A 110 -10.56 -9.24 13.97
C ASN A 110 -11.46 -10.17 13.22
N GLU A 111 -12.61 -9.65 12.78
CA GLU A 111 -13.53 -10.51 12.05
C GLU A 111 -12.92 -11.06 10.79
N LYS A 112 -12.34 -10.18 9.96
CA LYS A 112 -11.89 -10.65 8.66
C LYS A 112 -10.65 -11.53 8.85
N ALA A 113 -9.79 -11.17 9.80
CA ALA A 113 -8.58 -12.01 9.98
C ALA A 113 -8.99 -13.42 10.45
N GLU A 114 -9.99 -13.47 11.33
CA GLU A 114 -10.47 -14.81 11.77
C GLU A 114 -11.07 -15.62 10.61
N GLN A 115 -11.86 -14.97 9.76
CA GLN A 115 -12.39 -15.68 8.61
C GLN A 115 -11.27 -16.22 7.69
N LEU A 116 -10.26 -15.41 7.44
CA LEU A 116 -9.14 -15.86 6.64
C LEU A 116 -8.52 -17.08 7.30
N VAL A 117 -8.29 -17.02 8.61
CA VAL A 117 -7.60 -18.15 9.26
C VAL A 117 -8.43 -19.45 9.16
N GLU A 118 -9.72 -19.34 9.42
CA GLU A 118 -10.53 -20.54 9.33
C GLU A 118 -10.50 -21.13 7.92
N ILE A 119 -10.57 -20.27 6.91
CA ILE A 119 -10.50 -20.71 5.51
C ILE A 119 -9.16 -21.40 5.21
N LEU A 120 -8.08 -20.84 5.72
CA LEU A 120 -6.79 -21.49 5.51
C LEU A 120 -6.73 -22.83 6.27
N GLU A 121 -7.15 -22.84 7.52
CA GLU A 121 -7.06 -24.10 8.30
C GLU A 121 -7.82 -25.24 7.61
N ALA A 122 -8.90 -24.88 6.96
CA ALA A 122 -9.69 -25.84 6.24
C ALA A 122 -8.92 -26.47 5.06
N LYS A 123 -7.78 -25.89 4.70
CA LYS A 123 -7.02 -26.34 3.53
C LYS A 123 -5.67 -26.84 3.98
N ALA A 124 -5.45 -26.88 5.29
CA ALA A 124 -4.13 -27.10 5.83
C ALA A 124 -3.80 -28.57 6.02
N ASP A 125 -3.53 -29.27 4.91
CA ASP A 125 -3.19 -30.69 4.90
C ASP A 125 -1.81 -30.91 4.29
N GLY A 126 -1.01 -29.84 4.30
CA GLY A 126 0.36 -29.93 3.84
C GLY A 126 0.46 -30.33 2.39
N GLN A 127 -0.64 -30.19 1.68
CA GLN A 127 -0.69 -30.79 0.39
C GLN A 127 -1.41 -29.92 -0.62
N THR A 128 -2.32 -29.08 -0.13
CA THR A 128 -3.14 -28.24 -0.99
C THR A 128 -2.47 -26.86 -1.22
N PRO A 129 -2.13 -26.53 -2.47
CA PRO A 129 -1.47 -25.22 -2.68
C PRO A 129 -2.47 -24.09 -2.66
N VAL A 130 -2.15 -23.07 -1.86
CA VAL A 130 -2.96 -21.89 -1.74
C VAL A 130 -2.12 -20.64 -2.07
N SER A 131 -2.65 -19.76 -2.91
CA SER A 131 -1.99 -18.48 -3.23
C SER A 131 -2.19 -17.53 -2.05
N MET A 132 -1.16 -17.34 -1.23
CA MET A 132 -1.26 -16.36 -0.15
C MET A 132 -1.37 -14.93 -0.66
N GLN A 133 -0.79 -14.65 -1.82
CA GLN A 133 -1.03 -13.31 -2.40
C GLN A 133 -2.54 -13.05 -2.63
N ASP A 134 -3.22 -14.00 -3.28
CA ASP A 134 -4.65 -13.83 -3.47
C ASP A 134 -5.42 -13.80 -2.15
N MET A 135 -5.14 -14.70 -1.23
CA MET A 135 -5.95 -14.75 0.01
C MET A 135 -5.76 -13.45 0.79
N LEU A 136 -4.50 -12.94 0.81
CA LEU A 136 -4.24 -11.65 1.49
C LEU A 136 -4.89 -10.46 0.76
N THR A 137 -4.93 -10.47 -0.57
CA THR A 137 -5.70 -9.44 -1.22
C THR A 137 -7.20 -9.54 -0.88
N TYR A 138 -7.74 -10.76 -0.77
CA TYR A 138 -9.18 -10.87 -0.47
C TYR A 138 -9.46 -10.31 0.90
N THR A 139 -8.57 -10.67 1.83
CA THR A 139 -8.64 -10.21 3.21
C THR A 139 -8.60 -8.68 3.31
N ALA A 140 -7.65 -8.07 2.58
CA ALA A 140 -7.42 -6.64 2.72
C ALA A 140 -8.61 -5.93 2.11
N MET A 141 -9.14 -6.49 1.02
CA MET A 141 -10.26 -5.81 0.36
C MET A 141 -11.54 -5.86 1.24
N ASP A 142 -11.84 -7.04 1.80
CA ASP A 142 -13.04 -7.17 2.65
C ASP A 142 -12.92 -6.26 3.87
N ILE A 143 -11.71 -6.16 4.45
CA ILE A 143 -11.52 -5.20 5.52
C ILE A 143 -11.82 -3.77 5.05
N LEU A 144 -11.22 -3.35 3.92
CA LEU A 144 -11.35 -1.97 3.55
C LEU A 144 -12.83 -1.60 3.25
N ALA A 145 -13.47 -2.47 2.49
CA ALA A 145 -14.84 -2.20 2.02
C ALA A 145 -15.76 -2.05 3.23
N LYS A 146 -15.63 -2.97 4.17
CA LYS A 146 -16.43 -2.90 5.40
C LYS A 146 -16.07 -1.68 6.25
N ALA A 147 -14.77 -1.55 6.58
CA ALA A 147 -14.28 -0.43 7.40
C ALA A 147 -14.55 0.99 6.86
N ALA A 148 -14.37 1.19 5.55
CA ALA A 148 -14.49 2.56 5.02
C ALA A 148 -15.89 2.85 4.45
N PHE A 149 -16.55 1.83 3.91
CA PHE A 149 -17.78 2.10 3.14
C PHE A 149 -18.98 1.34 3.70
N GLY A 150 -18.78 0.47 4.67
CA GLY A 150 -19.90 -0.21 5.32
C GLY A 150 -20.38 -1.40 4.50
N MET A 151 -19.58 -1.76 3.51
CA MET A 151 -19.96 -2.78 2.54
C MET A 151 -19.26 -4.11 2.77
N GLU A 152 -19.96 -5.17 2.40
CA GLU A 152 -19.40 -6.50 2.48
C GLU A 152 -19.07 -6.97 1.09
N THR A 153 -17.79 -7.03 0.75
CA THR A 153 -17.40 -7.60 -0.51
C THR A 153 -17.35 -9.09 -0.53
N SER A 154 -17.06 -9.71 0.60
CA SER A 154 -17.07 -11.16 0.68
C SER A 154 -16.10 -11.87 -0.25
N MET A 155 -14.97 -11.23 -0.57
CA MET A 155 -14.04 -11.97 -1.42
C MET A 155 -13.51 -13.21 -0.76
N LEU A 156 -13.32 -13.16 0.55
CA LEU A 156 -12.92 -14.37 1.24
C LEU A 156 -13.89 -15.51 1.03
N LEU A 157 -15.16 -15.15 0.84
CA LEU A 157 -16.17 -16.20 0.58
C LEU A 157 -16.46 -16.43 -0.91
N GLY A 158 -15.52 -16.03 -1.77
CA GLY A 158 -15.65 -16.31 -3.19
C GLY A 158 -16.35 -15.27 -4.05
N ALA A 159 -16.88 -14.22 -3.45
CA ALA A 159 -17.58 -13.20 -4.21
C ALA A 159 -16.67 -12.12 -4.84
N GLN A 160 -17.31 -11.23 -5.60
CA GLN A 160 -16.71 -10.07 -6.22
C GLN A 160 -15.36 -10.31 -6.89
N LYS A 161 -15.11 -11.51 -7.41
CA LYS A 161 -13.96 -11.70 -8.28
C LYS A 161 -13.70 -10.62 -9.35
N PRO A 162 -14.74 -10.18 -10.08
CA PRO A 162 -14.59 -9.15 -11.12
C PRO A 162 -13.99 -7.87 -10.58
N LEU A 163 -14.33 -7.55 -9.35
CA LEU A 163 -13.81 -6.35 -8.75
C LEU A 163 -12.28 -6.42 -8.51
N SER A 164 -11.76 -7.53 -7.96
CA SER A 164 -10.31 -7.58 -7.75
C SER A 164 -9.59 -7.68 -9.10
N GLN A 165 -10.21 -8.38 -10.06
CA GLN A 165 -9.72 -8.33 -11.45
C GLN A 165 -9.52 -6.98 -12.07
N ALA A 166 -10.58 -6.20 -11.96
CA ALA A 166 -10.59 -4.83 -12.43
C ALA A 166 -9.44 -3.98 -11.78
N VAL A 167 -9.22 -4.12 -10.48
CA VAL A 167 -8.08 -3.45 -9.82
C VAL A 167 -6.73 -3.90 -10.44
N LYS A 168 -6.55 -5.21 -10.62
CA LYS A 168 -5.33 -5.73 -11.21
C LYS A 168 -5.09 -5.14 -12.61
N LEU A 169 -6.08 -5.22 -13.48
CA LEU A 169 -5.99 -4.58 -14.77
C LEU A 169 -5.61 -3.10 -14.76
N MET A 170 -6.25 -2.31 -13.91
CA MET A 170 -5.97 -0.90 -13.96
C MET A 170 -4.55 -0.54 -13.38
N LEU A 171 -4.10 -1.29 -12.37
CA LEU A 171 -2.76 -1.03 -11.81
C LEU A 171 -1.70 -1.50 -12.83
N GLU A 172 -1.96 -2.62 -13.52
CA GLU A 172 -1.11 -2.99 -14.65
C GLU A 172 -1.06 -1.88 -15.66
N GLY A 173 -2.21 -1.27 -15.88
CA GLY A 173 -2.34 -0.18 -16.83
C GLY A 173 -1.45 1.00 -16.50
N ILE A 174 -1.49 1.38 -15.25
CA ILE A 174 -0.63 2.48 -14.80
C ILE A 174 0.84 2.22 -15.11
N THR A 175 1.31 1.03 -14.81
CA THR A 175 2.70 0.74 -15.07
C THR A 175 2.95 0.63 -16.58
N ALA A 176 2.05 -0.03 -17.27
CA ALA A 176 2.12 -0.12 -18.73
C ALA A 176 2.13 1.25 -19.42
N SER A 177 1.50 2.26 -18.83
CA SER A 177 1.44 3.57 -19.46
C SER A 177 2.82 4.22 -19.65
N ARG A 178 3.84 3.72 -18.98
CA ARG A 178 5.17 4.31 -19.10
C ARG A 178 5.61 4.18 -20.56
N ASN A 179 5.87 5.32 -21.18
CA ASN A 179 6.08 5.45 -22.63
C ASN A 179 7.31 4.65 -23.10
N THR A 180 8.34 4.66 -22.25
CA THR A 180 9.57 3.92 -22.47
C THR A 180 9.38 2.41 -22.32
N LEU A 181 8.25 2.04 -21.73
CA LEU A 181 7.91 0.63 -21.51
C LEU A 181 6.72 0.36 -22.47
N ALA A 182 5.79 1.32 -22.54
CA ALA A 182 4.63 1.28 -23.46
C ALA A 182 5.18 1.52 -24.85
N LYS A 183 6.03 0.60 -25.27
CA LYS A 183 6.81 0.82 -26.46
C LYS A 183 6.11 0.13 -27.60
N PHE A 184 6.69 -0.98 -28.10
CA PHE A 184 6.20 -1.60 -29.32
C PHE A 184 5.74 -3.06 -29.32
N LEU A 185 4.59 -3.34 -28.72
CA LEU A 185 3.94 -4.65 -28.88
C LEU A 185 2.54 -4.44 -29.49
N PRO A 186 1.99 -5.45 -30.20
CA PRO A 186 0.70 -5.48 -30.91
C PRO A 186 -0.66 -5.31 -30.20
N GLY A 187 -0.86 -6.08 -29.13
CA GLY A 187 -2.14 -6.12 -28.43
C GLY A 187 -2.27 -5.06 -27.36
N LYS A 188 -1.80 -3.86 -27.67
CA LYS A 188 -1.96 -2.72 -26.80
C LYS A 188 -3.41 -2.24 -26.90
N ARG A 189 -4.11 -2.65 -27.97
CA ARG A 189 -5.52 -2.28 -28.17
C ARG A 189 -6.48 -2.95 -27.22
N LYS A 190 -6.23 -4.24 -26.95
CA LYS A 190 -7.02 -5.00 -25.99
C LYS A 190 -6.80 -4.50 -24.56
N GLN A 191 -5.57 -4.07 -24.28
CA GLN A 191 -5.22 -3.60 -22.96
C GLN A 191 -6.00 -2.36 -22.66
N LEU A 192 -6.01 -1.46 -23.65
CA LEU A 192 -6.74 -0.23 -23.52
C LEU A 192 -8.19 -0.41 -23.21
N ARG A 193 -8.85 -1.31 -23.94
CA ARG A 193 -10.27 -1.55 -23.71
C ARG A 193 -10.51 -2.23 -22.37
N GLU A 194 -9.69 -3.20 -22.02
CA GLU A 194 -9.91 -3.87 -20.75
C GLU A 194 -9.71 -2.94 -19.54
N VAL A 195 -8.77 -2.03 -19.70
CA VAL A 195 -8.39 -1.10 -18.63
C VAL A 195 -9.38 0.00 -18.54
N ARG A 196 -9.77 0.54 -19.67
CA ARG A 196 -10.84 1.52 -19.67
C ARG A 196 -12.11 0.93 -19.08
N GLU A 197 -12.39 -0.32 -19.41
CA GLU A 197 -13.65 -0.94 -18.97
C GLU A 197 -13.52 -1.19 -17.46
N SER A 198 -12.33 -1.58 -17.00
CA SER A 198 -12.16 -1.83 -15.57
C SER A 198 -12.36 -0.54 -14.74
N ILE A 199 -11.82 0.56 -15.24
CA ILE A 199 -11.91 1.81 -14.50
C ILE A 199 -13.38 2.27 -14.39
N ARG A 200 -14.11 2.18 -15.50
CA ARG A 200 -15.52 2.49 -15.49
C ARG A 200 -16.32 1.56 -14.55
N PHE A 201 -15.99 0.27 -14.55
CA PHE A 201 -16.63 -0.64 -13.62
C PHE A 201 -16.47 -0.16 -12.18
N LEU A 202 -15.23 0.09 -11.80
CA LEU A 202 -14.93 0.52 -10.42
C LEU A 202 -15.68 1.80 -10.06
N ARG A 203 -15.68 2.80 -10.92
CA ARG A 203 -16.39 3.99 -10.56
C ARG A 203 -17.91 3.76 -10.42
N GLN A 204 -18.44 2.82 -11.19
CA GLN A 204 -19.85 2.46 -11.10
C GLN A 204 -20.18 1.77 -9.73
N VAL A 205 -19.31 0.83 -9.30
CA VAL A 205 -19.34 0.24 -7.94
C VAL A 205 -19.46 1.38 -6.95
N GLY A 206 -18.61 2.36 -7.13
CA GLY A 206 -18.66 3.55 -6.28
C GLY A 206 -20.03 4.23 -6.23
N ARG A 207 -20.63 4.44 -7.40
CA ARG A 207 -21.92 5.12 -7.39
C ARG A 207 -22.92 4.27 -6.63
N ASP A 208 -22.84 2.96 -6.78
CA ASP A 208 -23.76 2.06 -6.14
C ASP A 208 -23.59 2.16 -4.65
N TRP A 209 -22.33 2.15 -4.20
CA TRP A 209 -22.10 2.15 -2.75
C TRP A 209 -22.48 3.49 -2.13
N VAL A 210 -22.22 4.58 -2.83
CA VAL A 210 -22.59 5.90 -2.33
C VAL A 210 -24.13 6.01 -2.22
N GLN A 211 -24.78 5.44 -3.23
CA GLN A 211 -26.23 5.39 -3.33
C GLN A 211 -26.76 4.65 -2.12
N ARG A 212 -26.25 3.45 -1.86
CA ARG A 212 -26.65 2.76 -0.66
C ARG A 212 -26.61 3.61 0.59
N ARG A 213 -25.49 4.31 0.79
CA ARG A 213 -25.33 5.13 1.99
C ARG A 213 -26.40 6.24 2.02
N ARG A 214 -26.61 6.84 0.85
CA ARG A 214 -27.55 7.94 0.74
C ARG A 214 -28.96 7.51 1.06
N GLU A 215 -29.29 6.30 0.64
CA GLU A 215 -30.59 5.74 0.92
C GLU A 215 -30.79 5.40 2.39
N ALA A 216 -29.75 4.85 3.01
CA ALA A 216 -29.80 4.54 4.42
C ALA A 216 -30.07 5.80 5.20
N LEU A 217 -29.40 6.86 4.81
CA LEU A 217 -29.57 8.11 5.53
C LEU A 217 -30.99 8.64 5.33
N LYS A 218 -31.54 8.47 4.13
CA LYS A 218 -32.90 8.97 3.88
C LYS A 218 -34.03 8.26 4.62
N ARG A 219 -33.76 7.03 5.05
CA ARG A 219 -34.67 6.23 5.85
C ARG A 219 -34.43 6.45 7.33
N GLY A 220 -33.52 7.35 7.65
CA GLY A 220 -33.25 7.65 9.03
C GLY A 220 -32.29 6.73 9.76
N GLU A 221 -31.60 5.84 9.07
CA GLU A 221 -30.63 5.06 9.81
C GLU A 221 -29.55 5.97 10.34
N GLU A 222 -28.95 5.56 11.44
CA GLU A 222 -27.76 6.24 11.90
C GLU A 222 -26.59 5.32 11.62
N VAL A 223 -25.79 5.71 10.63
CA VAL A 223 -24.61 4.98 10.29
C VAL A 223 -23.44 5.61 11.06
N PRO A 224 -22.61 4.76 11.71
CA PRO A 224 -21.48 5.37 12.43
C PRO A 224 -20.66 6.00 11.34
N ALA A 225 -20.01 7.12 11.68
CA ALA A 225 -19.17 7.88 10.78
C ALA A 225 -17.97 7.04 10.43
N ASP A 226 -17.64 7.03 9.14
CA ASP A 226 -16.47 6.29 8.63
C ASP A 226 -15.84 7.13 7.54
N ILE A 227 -14.83 6.61 6.87
CA ILE A 227 -14.24 7.32 5.75
C ILE A 227 -15.32 7.79 4.74
N LEU A 228 -16.26 6.91 4.41
CA LEU A 228 -17.33 7.34 3.48
C LEU A 228 -18.04 8.60 3.96
N THR A 229 -18.35 8.65 5.25
CA THR A 229 -19.01 9.86 5.78
C THR A 229 -18.20 11.11 5.44
N GLN A 230 -16.90 11.01 5.66
CA GLN A 230 -16.03 12.15 5.44
C GLN A 230 -15.76 12.46 3.99
N ILE A 231 -15.70 11.47 3.12
CA ILE A 231 -15.50 11.85 1.72
C ILE A 231 -16.77 12.49 1.16
N LEU A 232 -17.94 12.05 1.65
CA LEU A 232 -19.22 12.73 1.31
C LEU A 232 -19.16 14.16 1.81
N LYS A 233 -18.76 14.32 3.08
CA LYS A 233 -18.70 15.62 3.74
C LYS A 233 -17.78 16.54 2.94
N ALA A 234 -16.62 16.01 2.48
CA ALA A 234 -15.68 16.82 1.70
C ALA A 234 -16.26 17.26 0.33
N GLU A 235 -17.30 16.59 -0.15
CA GLU A 235 -17.91 16.96 -1.44
C GLU A 235 -19.20 17.79 -1.34
N GLU A 236 -19.49 18.38 -0.20
CA GLU A 236 -20.78 19.08 -0.08
C GLU A 236 -21.27 19.98 -1.21
N GLY A 237 -20.51 21.02 -1.54
CA GLY A 237 -21.04 21.95 -2.53
C GLY A 237 -20.87 21.55 -3.98
N ALA A 238 -20.48 20.30 -4.22
CA ALA A 238 -20.08 19.87 -5.56
C ALA A 238 -21.22 19.85 -6.57
N GLN A 239 -20.89 20.09 -7.83
CA GLN A 239 -21.90 20.20 -8.87
C GLN A 239 -22.38 18.81 -9.26
N ASP A 240 -21.49 17.85 -9.09
CA ASP A 240 -21.78 16.47 -9.43
C ASP A 240 -20.93 15.53 -8.54
N ASP A 241 -21.04 14.24 -8.79
CA ASP A 241 -20.37 13.27 -7.95
C ASP A 241 -18.96 12.87 -8.36
N GLU A 242 -18.41 13.46 -9.42
CA GLU A 242 -17.06 13.08 -9.86
C GLU A 242 -15.93 13.21 -8.84
N GLY A 243 -15.96 14.27 -8.04
CA GLY A 243 -15.01 14.44 -6.96
C GLY A 243 -15.19 13.34 -5.91
N LEU A 244 -16.46 13.10 -5.56
CA LEU A 244 -16.80 12.03 -4.65
C LEU A 244 -16.24 10.71 -5.16
N LEU A 245 -16.51 10.39 -6.42
CA LEU A 245 -16.06 9.10 -6.96
C LEU A 245 -14.50 9.02 -7.08
N ASP A 246 -13.84 10.16 -7.28
CA ASP A 246 -12.37 10.16 -7.22
C ASP A 246 -11.90 9.69 -5.85
N ASN A 247 -12.43 10.28 -4.78
CA ASN A 247 -12.19 9.75 -3.42
C ASN A 247 -12.62 8.36 -3.10
N PHE A 248 -13.75 7.92 -3.65
CA PHE A 248 -14.08 6.52 -3.54
C PHE A 248 -12.94 5.63 -4.15
N VAL A 249 -12.53 5.93 -5.38
CA VAL A 249 -11.51 5.12 -6.01
C VAL A 249 -10.23 5.20 -5.17
N THR A 250 -9.93 6.40 -4.66
CA THR A 250 -8.68 6.63 -3.94
C THR A 250 -8.58 5.70 -2.74
N PHE A 251 -9.62 5.79 -1.92
CA PHE A 251 -9.73 4.94 -0.75
C PHE A 251 -9.87 3.49 -0.98
N PHE A 252 -10.55 3.15 -2.05
CA PHE A 252 -10.82 1.74 -2.30
C PHE A 252 -9.52 1.05 -2.65
N ILE A 253 -8.72 1.72 -3.45
CA ILE A 253 -7.45 1.14 -3.90
C ILE A 253 -6.33 1.32 -2.85
N ALA A 254 -6.09 2.57 -2.46
CA ALA A 254 -5.01 2.88 -1.51
C ALA A 254 -5.27 2.15 -0.21
N GLY A 255 -6.55 1.93 0.10
CA GLY A 255 -6.86 1.31 1.38
C GLY A 255 -6.79 -0.20 1.40
N HIS A 256 -6.58 -0.88 0.26
CA HIS A 256 -6.32 -2.30 0.41
C HIS A 256 -5.10 -2.81 -0.36
N GLU A 257 -4.73 -2.16 -1.45
CA GLU A 257 -3.75 -2.82 -2.38
C GLU A 257 -2.34 -2.89 -1.70
N THR A 258 -1.92 -1.76 -1.15
CA THR A 258 -0.61 -1.71 -0.49
C THR A 258 -0.55 -2.58 0.73
N SER A 259 -1.61 -2.63 1.54
CA SER A 259 -1.58 -3.55 2.69
C SER A 259 -1.51 -4.97 2.20
N ALA A 260 -2.24 -5.29 1.10
CA ALA A 260 -2.19 -6.68 0.62
C ALA A 260 -0.78 -7.01 0.12
N ASN A 261 -0.18 -6.11 -0.66
CA ASN A 261 1.20 -6.34 -1.11
C ASN A 261 2.16 -6.60 0.10
N HIS A 262 2.06 -5.75 1.13
CA HIS A 262 2.95 -5.80 2.28
C HIS A 262 2.77 -7.10 3.06
N LEU A 263 1.51 -7.51 3.24
CA LEU A 263 1.26 -8.86 3.80
C LEU A 263 1.87 -9.95 2.98
N ALA A 264 1.67 -9.90 1.67
CA ALA A 264 2.18 -10.97 0.80
C ALA A 264 3.71 -11.01 0.82
N PHE A 265 4.39 -9.86 0.61
CA PHE A 265 5.83 -9.83 0.88
C PHE A 265 6.25 -10.43 2.21
N THR A 266 5.52 -10.13 3.27
CA THR A 266 6.01 -10.55 4.61
C THR A 266 5.88 -12.06 4.73
N VAL A 267 4.75 -12.60 4.29
CA VAL A 267 4.58 -14.05 4.36
C VAL A 267 5.58 -14.76 3.46
N MET A 268 5.76 -14.23 2.27
CA MET A 268 6.73 -14.83 1.34
C MET A 268 8.10 -14.85 2.01
N GLU A 269 8.49 -13.75 2.64
CA GLU A 269 9.86 -13.71 3.16
C GLU A 269 10.01 -14.61 4.37
N LEU A 270 8.99 -14.63 5.22
CA LEU A 270 9.04 -15.49 6.40
C LEU A 270 9.08 -16.99 6.07
N SER A 271 8.57 -17.39 4.91
CA SER A 271 8.62 -18.80 4.57
C SER A 271 10.09 -19.29 4.56
N ARG A 272 11.07 -18.37 4.48
CA ARG A 272 12.46 -18.80 4.53
C ARG A 272 13.23 -18.31 5.75
N GLN A 273 12.51 -17.90 6.78
CA GLN A 273 13.09 -17.33 8.01
C GLN A 273 12.54 -18.11 9.23
N PRO A 274 12.87 -19.39 9.31
CA PRO A 274 12.37 -20.22 10.42
C PRO A 274 12.71 -19.72 11.81
N GLU A 275 13.89 -19.13 12.00
CA GLU A 275 14.25 -18.61 13.32
C GLU A 275 13.36 -17.45 13.71
N ILE A 276 13.08 -16.57 12.72
CA ILE A 276 12.32 -15.35 13.02
C ILE A 276 10.89 -15.77 13.36
N VAL A 277 10.38 -16.74 12.58
CA VAL A 277 9.06 -17.32 12.78
C VAL A 277 8.83 -17.91 14.16
N ALA A 278 9.83 -18.64 14.65
CA ALA A 278 9.75 -19.26 15.96
C ALA A 278 9.66 -18.17 16.99
N ARG A 279 10.46 -17.14 16.81
CA ARG A 279 10.41 -16.04 17.74
C ARG A 279 9.10 -15.23 17.62
N LEU A 280 8.58 -15.06 16.41
CA LEU A 280 7.26 -14.44 16.31
C LEU A 280 6.23 -15.27 17.05
N GLN A 281 6.31 -16.59 16.89
CA GLN A 281 5.31 -17.44 17.48
C GLN A 281 5.36 -17.35 19.01
N ALA A 282 6.58 -17.24 19.54
CA ALA A 282 6.69 -17.16 20.98
C ALA A 282 6.06 -15.88 21.46
N GLU A 283 6.39 -14.76 20.81
CA GLU A 283 5.76 -13.49 21.17
C GLU A 283 4.23 -13.50 21.15
N VAL A 284 3.65 -13.93 20.05
CA VAL A 284 2.19 -14.12 19.98
C VAL A 284 1.62 -14.87 21.21
N ASP A 285 2.21 -16.03 21.50
CA ASP A 285 1.73 -16.89 22.59
C ASP A 285 1.81 -16.14 23.89
N GLU A 286 2.93 -15.50 24.07
CA GLU A 286 3.12 -14.63 25.18
C GLU A 286 2.15 -13.43 25.30
N VAL A 287 1.86 -12.65 24.25
CA VAL A 287 1.12 -11.42 24.53
C VAL A 287 -0.39 -11.62 24.36
N ILE A 288 -0.78 -12.53 23.48
CA ILE A 288 -2.20 -12.75 23.29
C ILE A 288 -2.61 -14.17 23.65
N GLY A 289 -1.64 -15.04 23.89
CA GLY A 289 -1.97 -16.40 24.32
C GLY A 289 -2.89 -17.10 23.35
N SER A 290 -4.00 -17.62 23.86
CA SER A 290 -4.95 -18.22 22.98
C SER A 290 -6.19 -17.36 22.82
N LYS A 291 -6.12 -16.08 23.15
CA LYS A 291 -7.29 -15.28 22.84
C LYS A 291 -7.65 -15.47 21.38
N ARG A 292 -8.93 -15.31 21.08
CA ARG A 292 -9.43 -15.53 19.74
C ARG A 292 -9.32 -14.20 18.99
N TYR A 293 -9.62 -13.12 19.71
CA TYR A 293 -9.57 -11.77 19.18
C TYR A 293 -8.51 -10.92 19.84
N LEU A 294 -7.91 -10.03 19.05
CA LEU A 294 -6.99 -9.07 19.61
C LEU A 294 -7.70 -7.83 20.06
N ASP A 295 -7.24 -7.29 21.18
CA ASP A 295 -7.72 -6.03 21.63
C ASP A 295 -6.74 -5.02 21.16
N PHE A 296 -7.19 -3.78 21.07
CA PHE A 296 -6.28 -2.75 20.67
C PHE A 296 -4.99 -2.65 21.51
N GLU A 297 -5.10 -2.89 22.83
CA GLU A 297 -3.91 -2.79 23.71
C GLU A 297 -2.91 -3.90 23.35
N ASP A 298 -3.42 -5.02 22.84
CA ASP A 298 -2.53 -6.09 22.50
C ASP A 298 -1.51 -5.70 21.44
N LEU A 299 -1.93 -4.81 20.51
CA LEU A 299 -1.14 -4.57 19.32
C LEU A 299 0.18 -3.99 19.67
N GLY A 300 0.13 -3.03 20.60
CA GLY A 300 1.31 -2.34 21.07
C GLY A 300 2.33 -3.28 21.68
N ARG A 301 1.88 -4.38 22.25
CA ARG A 301 2.85 -5.33 22.78
C ARG A 301 3.47 -6.29 21.79
N LEU A 302 2.99 -6.34 20.54
CA LEU A 302 3.60 -7.26 19.56
C LEU A 302 4.85 -6.51 19.00
N GLN A 303 5.79 -6.23 19.87
CA GLN A 303 6.96 -5.46 19.52
C GLN A 303 7.80 -6.10 18.45
N TYR A 304 8.06 -7.39 18.59
CA TYR A 304 8.92 -8.06 17.62
C TYR A 304 8.21 -8.15 16.24
N LEU A 305 6.90 -8.39 16.26
CA LEU A 305 6.13 -8.48 15.01
C LEU A 305 6.24 -7.11 14.37
N SER A 306 6.12 -6.09 15.19
CA SER A 306 6.31 -4.76 14.66
C SER A 306 7.69 -4.56 13.94
N GLN A 307 8.75 -5.14 14.50
CA GLN A 307 10.04 -5.04 13.89
C GLN A 307 10.13 -5.72 12.54
N VAL A 308 9.56 -6.92 12.48
CA VAL A 308 9.52 -7.77 11.28
C VAL A 308 8.75 -7.02 10.19
N LEU A 309 7.63 -6.41 10.57
CA LEU A 309 6.81 -5.66 9.57
C LEU A 309 7.62 -4.47 9.03
N LYS A 310 8.30 -3.79 9.95
CA LYS A 310 9.17 -2.68 9.51
C LYS A 310 10.28 -3.07 8.58
N GLU A 311 10.90 -4.20 8.89
CA GLU A 311 12.03 -4.71 8.08
C GLU A 311 11.49 -5.20 6.73
N SER A 312 10.27 -5.72 6.74
CA SER A 312 9.64 -6.13 5.51
C SER A 312 9.40 -4.92 4.58
N LEU A 313 8.99 -3.78 5.18
CA LEU A 313 8.81 -2.59 4.39
C LEU A 313 10.14 -1.92 3.93
N ARG A 314 11.24 -2.21 4.62
CA ARG A 314 12.52 -1.63 4.19
C ARG A 314 12.93 -2.26 2.83
N LEU A 315 12.91 -3.59 2.79
CA LEU A 315 13.25 -4.38 1.57
C LEU A 315 12.19 -4.41 0.52
N TYR A 316 10.95 -4.38 0.95
CA TYR A 316 9.81 -4.58 0.04
C TYR A 316 8.72 -3.56 0.24
N PRO A 317 9.03 -2.28 0.00
CA PRO A 317 8.01 -1.24 0.12
C PRO A 317 7.08 -1.26 -1.05
N PRO A 318 5.76 -1.51 -0.84
CA PRO A 318 4.86 -1.52 -2.02
C PRO A 318 4.81 -0.14 -2.68
N ALA A 319 4.79 0.90 -1.86
CA ALA A 319 4.78 2.25 -2.42
C ALA A 319 6.25 2.66 -2.49
N TRP A 320 6.85 2.53 -3.67
CA TRP A 320 8.29 2.56 -3.77
C TRP A 320 8.87 3.93 -4.09
N GLY A 321 8.03 4.90 -4.45
CA GLY A 321 8.56 6.22 -4.84
C GLY A 321 7.55 7.34 -4.66
N THR A 322 8.02 8.58 -4.64
CA THR A 322 7.09 9.71 -4.59
C THR A 322 7.74 10.83 -5.33
N PHE A 323 6.97 11.74 -5.91
CA PHE A 323 7.59 12.85 -6.63
C PHE A 323 7.22 14.22 -6.07
N ARG A 324 8.17 15.16 -6.11
CA ARG A 324 7.86 16.54 -5.78
C ARG A 324 8.27 17.43 -6.95
N LEU A 325 7.54 18.52 -7.18
CA LEU A 325 7.93 19.46 -8.22
C LEU A 325 9.04 20.35 -7.73
N LEU A 326 10.14 20.41 -8.46
CA LEU A 326 11.17 21.41 -8.11
C LEU A 326 10.86 22.59 -9.00
N GLU A 327 10.33 23.66 -8.40
CA GLU A 327 9.83 24.77 -9.23
C GLU A 327 10.90 25.64 -9.87
N GLU A 328 11.98 25.90 -9.15
CA GLU A 328 13.03 26.78 -9.63
C GLU A 328 14.36 26.05 -9.61
N GLU A 329 15.21 26.35 -10.59
CA GLU A 329 16.57 25.83 -10.59
C GLU A 329 17.22 25.97 -9.21
N THR A 330 17.90 24.93 -8.76
CA THR A 330 18.33 24.79 -7.36
C THR A 330 19.49 23.83 -7.37
N LEU A 331 20.39 23.98 -6.42
CA LEU A 331 21.53 23.10 -6.28
C LEU A 331 21.17 22.00 -5.23
N ILE A 332 21.36 20.74 -5.60
CA ILE A 332 20.93 19.66 -4.73
C ILE A 332 22.16 18.79 -4.60
N ASP A 333 22.67 18.67 -3.37
CA ASP A 333 23.89 17.90 -3.16
C ASP A 333 24.96 18.20 -4.21
N GLY A 334 25.07 19.47 -4.58
CA GLY A 334 26.17 19.86 -5.44
C GLY A 334 25.79 19.93 -6.89
N VAL A 335 24.68 19.29 -7.24
CA VAL A 335 24.23 19.24 -8.64
C VAL A 335 23.15 20.28 -8.91
N ARG A 336 23.28 20.94 -10.05
CA ARG A 336 22.34 21.96 -10.42
C ARG A 336 21.19 21.23 -11.07
N VAL A 337 19.98 21.51 -10.61
CA VAL A 337 18.83 20.88 -11.21
C VAL A 337 17.94 22.00 -11.72
N PRO A 338 17.56 21.97 -13.01
CA PRO A 338 16.71 22.97 -13.67
C PRO A 338 15.36 23.06 -12.95
N GLY A 339 14.71 24.21 -13.07
CA GLY A 339 13.40 24.38 -12.51
C GLY A 339 12.36 23.61 -13.28
N ASN A 340 11.20 23.41 -12.69
CA ASN A 340 10.17 22.66 -13.32
C ASN A 340 10.68 21.21 -13.57
N THR A 341 11.43 20.66 -12.61
CA THR A 341 11.88 19.24 -12.73
C THR A 341 11.24 18.36 -11.67
N PRO A 342 10.72 17.16 -12.06
CA PRO A 342 10.14 16.24 -11.06
C PRO A 342 11.30 15.56 -10.34
N LEU A 343 11.30 15.68 -9.02
CA LEU A 343 12.24 14.97 -8.17
C LEU A 343 11.63 13.67 -7.64
N LEU A 344 12.35 12.57 -7.82
CA LEU A 344 11.89 11.27 -7.35
C LEU A 344 12.62 10.88 -6.07
N PHE A 345 11.87 10.58 -5.01
CA PHE A 345 12.44 10.06 -3.77
C PHE A 345 11.99 8.60 -3.60
N SER A 346 12.93 7.69 -3.41
CA SER A 346 12.61 6.24 -3.38
C SER A 346 13.09 5.53 -2.12
N THR A 347 12.15 5.15 -1.27
CA THR A 347 12.49 4.41 -0.08
C THR A 347 13.00 3.03 -0.48
N TYR A 348 12.55 2.54 -1.64
CA TYR A 348 13.09 1.25 -2.14
C TYR A 348 14.61 1.31 -2.34
N VAL A 349 15.03 2.30 -3.12
CA VAL A 349 16.46 2.52 -3.39
C VAL A 349 17.29 2.71 -2.10
N MET A 350 16.89 3.63 -1.26
CA MET A 350 17.70 3.93 -0.09
C MET A 350 17.77 2.77 0.87
N GLY A 351 16.72 1.98 0.91
CA GLY A 351 16.72 0.86 1.82
C GLY A 351 17.69 -0.22 1.39
N ARG A 352 18.08 -0.23 0.13
CA ARG A 352 19.03 -1.23 -0.34
C ARG A 352 20.43 -0.67 -0.54
N MET A 353 20.67 0.55 -0.12
CA MET A 353 22.08 1.05 -0.16
C MET A 353 22.87 0.70 1.10
N ASP A 354 24.01 0.02 0.92
CA ASP A 354 24.87 -0.30 2.07
C ASP A 354 25.43 0.97 2.71
N THR A 355 25.32 2.11 2.06
CA THR A 355 25.71 3.34 2.76
C THR A 355 24.76 3.76 3.92
N TYR A 356 23.52 3.26 3.87
CA TYR A 356 22.50 3.60 4.86
C TYR A 356 22.16 2.39 5.71
N PHE A 357 22.33 1.20 5.13
CA PHE A 357 22.02 -0.01 5.84
C PHE A 357 23.09 -1.05 5.68
N GLU A 358 23.70 -1.47 6.77
CA GLU A 358 24.69 -2.54 6.69
C GLU A 358 24.10 -3.86 6.19
N ASP A 359 24.83 -4.49 5.25
CA ASP A 359 24.44 -5.79 4.71
C ASP A 359 22.94 -5.62 4.31
N PRO A 360 22.69 -4.64 3.44
CA PRO A 360 21.34 -4.28 3.04
C PRO A 360 20.35 -5.34 2.52
N LEU A 361 20.84 -6.38 1.86
CA LEU A 361 19.97 -7.49 1.40
C LEU A 361 19.58 -8.53 2.47
N THR A 362 20.15 -8.40 3.67
CA THR A 362 19.87 -9.32 4.77
C THR A 362 18.61 -8.84 5.47
N PHE A 363 17.67 -9.77 5.63
CA PHE A 363 16.41 -9.47 6.31
C PHE A 363 16.72 -9.62 7.77
N ASN A 364 16.84 -8.49 8.45
CA ASN A 364 17.21 -8.47 9.83
C ASN A 364 16.33 -7.57 10.71
N PRO A 365 15.33 -8.16 11.38
CA PRO A 365 14.42 -7.39 12.22
C PRO A 365 15.08 -6.64 13.38
N ASP A 366 16.29 -7.05 13.78
CA ASP A 366 16.90 -6.41 14.95
C ASP A 366 17.32 -4.97 14.56
N ARG A 367 17.32 -4.64 13.28
CA ARG A 367 17.65 -3.29 12.91
C ARG A 367 16.71 -2.33 13.54
N PHE A 368 15.48 -2.79 13.78
CA PHE A 368 14.44 -1.91 14.39
C PHE A 368 14.21 -2.28 15.85
N GLY A 369 15.18 -2.99 16.41
CA GLY A 369 15.09 -3.45 17.78
C GLY A 369 15.11 -2.27 18.75
N PRO A 370 14.63 -2.45 19.98
CA PRO A 370 14.70 -1.26 20.80
C PRO A 370 16.17 -0.89 21.08
N GLY A 371 16.40 0.41 21.26
CA GLY A 371 17.75 0.90 21.50
C GLY A 371 18.48 1.20 20.21
N ALA A 372 18.03 0.62 19.08
CA ALA A 372 18.71 0.90 17.84
C ALA A 372 18.33 2.31 17.38
N PRO A 373 19.29 3.07 16.86
CA PRO A 373 18.89 4.39 16.41
C PRO A 373 17.87 4.23 15.25
N LYS A 374 16.89 5.11 15.20
CA LYS A 374 15.91 5.10 14.13
C LYS A 374 16.56 5.54 12.84
N PRO A 375 16.13 4.96 11.71
CA PRO A 375 16.74 5.40 10.45
C PRO A 375 16.43 6.87 10.28
N ARG A 376 17.40 7.59 9.73
CA ARG A 376 17.24 9.04 9.64
C ARG A 376 17.05 9.50 8.18
N PHE A 377 15.79 9.63 7.76
CA PHE A 377 15.44 10.00 6.38
C PHE A 377 15.97 9.08 5.34
N THR A 378 16.20 7.85 5.72
CA THR A 378 16.59 6.82 4.76
C THR A 378 15.52 5.72 4.64
N TYR A 379 14.37 5.91 5.29
CA TYR A 379 13.38 4.84 5.40
C TYR A 379 12.03 5.52 5.48
N PHE A 380 11.23 5.37 4.45
CA PHE A 380 9.91 6.03 4.44
C PHE A 380 8.89 5.32 3.59
N PRO A 381 8.48 4.12 4.05
CA PRO A 381 7.49 3.33 3.31
C PRO A 381 6.07 3.89 3.31
N PHE A 382 5.79 4.86 4.19
CA PHE A 382 4.51 5.60 4.23
C PHE A 382 4.77 7.06 3.83
N SER A 383 5.97 7.32 3.28
CA SER A 383 6.40 8.66 2.91
C SER A 383 6.56 9.51 4.18
N LEU A 384 6.73 10.82 4.00
CA LEU A 384 7.08 11.70 5.16
C LEU A 384 6.45 13.05 4.94
N GLY A 385 6.26 13.80 6.02
CA GLY A 385 5.76 15.16 5.84
C GLY A 385 4.29 15.26 5.53
N HIS A 386 3.86 16.37 4.94
CA HIS A 386 2.43 16.61 4.90
C HIS A 386 1.71 15.64 3.96
N ARG A 387 2.41 15.13 2.93
CA ARG A 387 1.78 14.18 2.03
C ARG A 387 2.09 12.73 2.44
N SER A 388 2.42 12.48 3.71
CA SER A 388 2.57 11.08 4.14
C SER A 388 1.22 10.41 4.24
N CYS A 389 1.23 9.10 4.38
CA CYS A 389 0.04 8.25 4.27
C CYS A 389 -0.98 8.58 5.38
N ILE A 390 -2.20 8.94 5.03
CA ILE A 390 -3.21 9.21 6.06
C ILE A 390 -3.62 7.90 6.72
N GLY A 391 -3.39 6.80 5.99
CA GLY A 391 -3.79 5.52 6.52
C GLY A 391 -2.73 4.71 7.28
N GLN A 392 -1.65 5.34 7.67
CA GLN A 392 -0.57 4.56 8.21
C GLN A 392 -0.94 3.75 9.44
N GLN A 393 -1.61 4.42 10.39
CA GLN A 393 -1.99 3.71 11.60
C GLN A 393 -3.03 2.63 11.35
N PHE A 394 -4.07 2.94 10.57
CA PHE A 394 -5.04 1.95 10.12
C PHE A 394 -4.29 0.70 9.57
N ALA A 395 -3.32 0.93 8.68
CA ALA A 395 -2.66 -0.19 8.04
C ALA A 395 -1.78 -0.91 9.03
N GLN A 396 -1.08 -0.18 9.90
CA GLN A 396 -0.19 -0.93 10.81
C GLN A 396 -0.99 -1.78 11.77
N MET A 397 -2.15 -1.27 12.18
CA MET A 397 -3.10 -2.08 12.97
C MET A 397 -3.59 -3.31 12.24
N GLU A 398 -4.16 -3.07 11.09
CA GLU A 398 -4.70 -4.10 10.22
C GLU A 398 -3.70 -5.22 10.00
N VAL A 399 -2.47 -4.86 9.62
CA VAL A 399 -1.57 -5.92 9.30
C VAL A 399 -1.07 -6.69 10.53
N LYS A 400 -0.90 -6.02 11.66
CA LYS A 400 -0.55 -6.81 12.86
C LYS A 400 -1.68 -7.73 13.24
N VAL A 401 -2.95 -7.31 13.09
CA VAL A 401 -4.03 -8.25 13.40
C VAL A 401 -4.00 -9.54 12.52
N VAL A 402 -3.86 -9.36 11.22
CA VAL A 402 -3.80 -10.48 10.30
C VAL A 402 -2.58 -11.34 10.59
N MET A 403 -1.41 -10.72 10.74
CA MET A 403 -0.21 -11.53 10.99
C MET A 403 -0.27 -12.27 12.30
N ALA A 404 -0.76 -11.60 13.34
CA ALA A 404 -0.78 -12.25 14.64
C ALA A 404 -1.71 -13.46 14.58
N LYS A 405 -2.83 -13.34 13.86
CA LYS A 405 -3.76 -14.47 13.79
C LYS A 405 -3.16 -15.64 13.06
N LEU A 406 -2.46 -15.35 11.98
CA LEU A 406 -1.81 -16.40 11.22
C LEU A 406 -0.69 -17.09 12.00
N LEU A 407 0.08 -16.29 12.73
CA LEU A 407 1.22 -16.82 13.49
C LEU A 407 0.72 -17.71 14.64
N GLN A 408 -0.49 -17.43 15.06
CA GLN A 408 -1.05 -18.11 16.20
C GLN A 408 -1.52 -19.53 15.75
N ARG A 409 -1.94 -19.68 14.49
CA ARG A 409 -2.68 -20.89 14.10
C ARG A 409 -2.08 -21.69 12.95
N LEU A 410 -1.18 -21.11 12.17
CA LEU A 410 -0.81 -21.82 10.95
C LEU A 410 0.67 -21.79 10.62
N GLU A 411 1.14 -22.83 9.91
CA GLU A 411 2.48 -22.81 9.29
C GLU A 411 2.45 -22.96 7.77
N PHE A 412 3.36 -22.26 7.11
CA PHE A 412 3.38 -22.22 5.67
C PHE A 412 4.67 -22.80 5.12
N ARG A 413 4.57 -23.49 3.99
CA ARG A 413 5.73 -23.90 3.23
C ARG A 413 5.55 -23.42 1.83
N LEU A 414 6.54 -22.68 1.33
CA LEU A 414 6.36 -22.14 0.00
C LEU A 414 6.49 -23.36 -0.93
N VAL A 415 5.71 -23.41 -1.99
CA VAL A 415 5.75 -24.55 -2.91
C VAL A 415 7.07 -24.51 -3.70
N PRO A 416 7.69 -25.67 -3.93
CA PRO A 416 8.96 -25.56 -4.66
C PRO A 416 8.71 -24.86 -5.98
N GLY A 417 9.67 -24.06 -6.45
CA GLY A 417 9.49 -23.38 -7.72
C GLY A 417 8.92 -21.96 -7.62
N GLN A 418 8.31 -21.61 -6.50
CA GLN A 418 7.90 -20.21 -6.26
C GLN A 418 9.13 -19.28 -6.14
N ARG A 419 9.14 -18.15 -6.85
CA ARG A 419 10.30 -17.25 -6.74
C ARG A 419 10.10 -16.15 -5.70
N PHE A 420 11.21 -15.56 -5.26
CA PHE A 420 11.16 -14.48 -4.29
C PHE A 420 11.21 -13.07 -4.91
N GLY A 421 11.08 -13.01 -6.22
CA GLY A 421 11.26 -11.73 -6.89
C GLY A 421 10.09 -10.75 -6.79
N LEU A 422 10.30 -9.54 -7.31
CA LEU A 422 9.23 -8.51 -7.20
C LEU A 422 8.73 -8.16 -8.55
N GLN A 423 7.59 -7.46 -8.62
CA GLN A 423 7.17 -6.89 -9.89
C GLN A 423 6.52 -5.54 -9.54
N GLU A 424 6.54 -4.62 -10.49
CA GLU A 424 5.87 -3.35 -10.33
C GLU A 424 4.55 -3.42 -11.08
N GLN A 425 3.42 -3.30 -10.38
CA GLN A 425 2.16 -3.01 -11.09
C GLN A 425 1.53 -1.84 -10.29
N ALA A 426 1.94 -0.63 -10.66
CA ALA A 426 1.85 0.59 -9.85
C ALA A 426 2.72 0.38 -8.60
N THR A 427 2.18 -0.41 -7.66
CA THR A 427 2.93 -0.72 -6.43
C THR A 427 3.83 -1.88 -6.74
N LEU A 428 4.79 -2.15 -5.84
CA LEU A 428 5.58 -3.38 -5.94
C LEU A 428 4.85 -4.48 -5.22
N LYS A 429 4.96 -5.70 -5.72
CA LYS A 429 4.30 -6.87 -5.05
C LYS A 429 5.09 -8.10 -5.55
N PRO A 430 4.92 -9.26 -4.92
CA PRO A 430 5.67 -10.48 -5.27
C PRO A 430 5.38 -10.79 -6.74
N LEU A 431 6.42 -11.18 -7.47
CA LEU A 431 6.29 -11.63 -8.86
C LEU A 431 5.35 -12.88 -8.93
N ASP A 432 5.58 -13.84 -8.04
CA ASP A 432 4.80 -15.07 -7.94
C ASP A 432 3.66 -14.94 -6.94
N PRO A 433 2.65 -15.80 -7.07
CA PRO A 433 1.52 -15.70 -6.13
C PRO A 433 1.72 -16.20 -4.71
N VAL A 434 2.96 -16.47 -4.33
CA VAL A 434 3.29 -16.90 -2.96
C VAL A 434 2.43 -18.16 -2.64
N LEU A 435 2.47 -19.13 -3.56
CA LEU A 435 1.81 -20.42 -3.40
C LEU A 435 2.42 -21.19 -2.28
N CYS A 436 1.58 -21.52 -1.28
CA CYS A 436 2.04 -22.25 -0.13
C CYS A 436 1.18 -23.51 0.12
N THR A 437 1.76 -24.48 0.76
CA THR A 437 0.95 -25.48 1.44
C THR A 437 0.97 -25.11 2.93
N LEU A 438 -0.08 -25.53 3.64
CA LEU A 438 -0.26 -25.13 5.04
C LEU A 438 -0.58 -26.31 5.94
N ARG A 439 -0.12 -26.20 7.18
CA ARG A 439 -0.44 -27.13 8.26
C ARG A 439 -0.87 -26.40 9.51
N PRO A 440 -1.72 -27.03 10.35
CA PRO A 440 -2.10 -26.38 11.59
C PRO A 440 -0.79 -26.28 12.31
N ARG A 441 -0.68 -25.27 13.16
CA ARG A 441 0.58 -25.00 13.81
C ARG A 441 0.87 -26.18 14.72
N GLY A 442 2.15 -26.56 14.80
CA GLY A 442 2.56 -27.74 15.55
C GLY A 442 2.26 -29.11 14.94
N TRP A 443 3.03 -29.50 13.93
CA TRP A 443 2.97 -30.83 13.29
C TRP A 443 1.92 -30.83 12.20
P PO4 B . -24.14 1.56 4.45
O1 PO4 B . -25.47 1.30 5.08
O2 PO4 B . -23.08 1.64 5.51
O3 PO4 B . -24.19 2.84 3.69
O4 PO4 B . -23.82 0.46 3.51
CHA HEM C . -0.65 7.87 0.70
CHB HEM C . 1.86 3.98 1.72
CHC HEM C . -2.06 1.97 3.57
CHD HEM C . -4.65 5.70 2.25
C1A HEM C . 0.35 6.83 0.55
C2A HEM C . 1.64 7.04 0.08
C3A HEM C . 2.48 6.13 0.70
C4A HEM C . 1.61 5.32 1.49
CMA HEM C . 4.04 5.95 0.50
CAA HEM C . 2.06 8.07 -1.03
CBA HEM C . 2.44 9.36 -0.97
CGA HEM C . 2.90 9.71 -2.42
O1A HEM C . 2.23 9.76 -3.56
O2A HEM C . 3.97 9.93 -2.44
C1B HEM C . 1.04 2.98 2.24
C2B HEM C . 1.45 1.68 2.64
C3B HEM C . 0.26 1.11 3.17
C4B HEM C . -0.76 2.08 3.06
CMB HEM C . 2.88 1.06 2.51
CAB HEM C . 0.13 -0.19 3.70
CBB HEM C . 1.11 -0.96 4.44
C1C HEM C . -3.14 2.81 3.47
C2C HEM C . -4.42 2.55 3.99
C3C HEM C . -5.25 3.65 3.59
C4C HEM C . -4.37 4.50 2.86
CMC HEM C . -4.83 1.32 4.83
CAC HEM C . -6.64 3.95 3.81
CBC HEM C . -7.54 3.30 4.69
C1D HEM C . -3.83 6.55 1.58
C2D HEM C . -4.24 7.82 1.11
C3D HEM C . -3.10 8.53 0.79
C4D HEM C . -2.01 7.65 1.06
CMD HEM C . -5.72 8.33 0.99
CAD HEM C . -2.95 9.98 0.25
CBD HEM C . -2.75 10.87 1.56
CGD HEM C . -2.59 12.36 1.36
O1D HEM C . -3.12 13.17 2.16
O2D HEM C . -1.93 12.76 0.39
NA HEM C . 0.36 5.77 1.40
NB HEM C . -0.28 3.19 2.51
NC HEM C . -3.10 3.95 2.82
ND HEM C . -2.48 6.47 1.55
FE HEM C . -1.34 4.89 2.21
C65 C3S D . -1.93 3.13 -3.90
C63 C3S D . -1.70 4.58 -3.49
C69 C3S D . -2.35 5.53 -4.51
C60 C3S D . -0.21 4.90 -3.32
C57 C3S D . 0.57 4.83 -4.64
C54 C3S D . 2.06 5.04 -4.39
C48 C3S D . 2.92 4.75 -5.62
C50 C3S D . 2.77 3.29 -6.04
C38 C3S D . 2.61 5.72 -6.78
C35 C3S D . 2.90 7.18 -6.40
C29 C3S D . 3.41 5.51 -8.06
C26 C3S D . 2.96 4.39 -9.00
C40 C3S D . 4.89 5.34 -7.69
C30 C3S D . 3.05 6.85 -8.72
C32 C3S D . 3.51 7.85 -7.66
C18 C3S D . 3.58 7.03 -10.15
C15 C3S D . 3.58 8.29 -10.74
C20 C3S D . 3.85 5.89 -10.91
C23 C3S D . 3.68 4.46 -10.36
C22 C3S D . 4.58 6.04 -12.25
C44 C3S D . 6.02 5.67 -11.93
C12 C3S D . 4.52 7.47 -12.81
C9 C3S D . 5.03 7.73 -14.23
C13 C3S D . 4.04 8.52 -12.04
C1 C3S D . 3.98 5.11 -13.32
C4 C3S D . 4.63 5.31 -14.69
C7 C3S D . 4.49 6.73 -15.25
O6 C3S D . 5.21 6.80 -16.49
S1 C3S D . 4.99 7.92 -17.37
O3 C3S D . 5.47 7.53 -18.73
O2 C3S D . 5.82 9.08 -16.91
O4 C3S D . 3.56 8.33 -17.38
C1 GOL E . 22.33 19.16 1.35
O1 GOL E . 23.44 20.04 1.48
C2 GOL E . 21.35 19.73 0.33
O2 GOL E . 21.98 19.88 -0.95
C3 GOL E . 20.18 18.78 0.22
O3 GOL E . 19.25 19.29 -0.74
C1 GOL F . 23.12 -0.86 -15.47
O1 GOL F . 23.71 0.00 -14.48
C2 GOL F . 21.96 -0.14 -16.20
O2 GOL F . 22.42 1.07 -16.86
C3 GOL F . 21.36 -1.09 -17.24
O3 GOL F . 20.27 -0.45 -17.91
C1 GOL G . 13.85 12.88 -21.63
O1 GOL G . 14.56 13.12 -20.42
C2 GOL G . 13.15 11.56 -21.46
O2 GOL G . 12.27 11.63 -20.33
C3 GOL G . 12.36 11.24 -22.69
O3 GOL G . 11.75 9.98 -22.43
C1 GOL H . 12.66 10.79 9.41
O1 GOL H . 13.56 9.69 9.57
C2 GOL H . 11.44 10.63 10.31
O2 GOL H . 11.88 10.57 11.68
C3 GOL H . 10.48 11.84 10.12
O3 GOL H . 9.31 11.72 10.94
C1 GOL I . -12.01 -17.67 -3.62
O1 GOL I . -12.36 -18.56 -4.67
C2 GOL I . -11.84 -18.46 -2.34
O2 GOL I . -10.78 -19.43 -2.52
C3 GOL I . -11.50 -17.50 -1.22
O3 GOL I . -11.34 -18.22 -0.01
C1 GOL J . -7.94 -20.52 -3.46
O1 GOL J . -7.49 -20.96 -2.18
C2 GOL J . -7.03 -19.40 -3.93
O2 GOL J . -5.65 -19.87 -3.98
C3 GOL J . -7.50 -18.93 -5.31
O3 GOL J . -6.66 -17.88 -5.78
#